data_6OFO
#
_entry.id   6OFO
#
_cell.length_a   50.749
_cell.length_b   51.070
_cell.length_c   97.298
_cell.angle_alpha   90.00
_cell.angle_beta   103.67
_cell.angle_gamma   90.00
#
_symmetry.space_group_name_H-M   'P 1 21 1'
#
loop_
_entity.id
_entity.type
_entity.pdbx_description
1 polymer 'Green fluorescent protein (GFP); s10 circular permutant (194-195)'
2 water water
#
_entity_poly.entity_id   1
_entity_poly.type   'polypeptide(L)'
_entity_poly.pdbx_seq_one_letter_code
;GSHMLPDNHYLSTQTVLSKDPNEGTRHSGSGSKRDHMVLHEYVNAAGITHGMDELYGGTGGSASQGEELFTGVVPILVEL
DGDVNGHKFSVRGEGEGDATIGKLTLKFISTTGKLPVPWPTLVTTL(GYS)VQAFSRYPDHMKRHDFFKSAMPEGYVQER
TISFKDDGKYKTRAVVKFEGDTLVNRIELKGTDFKEDGNILGHKLEYNFNSHNVYITADKQKNGIKANFTVRHNVEDGSV
QLADHYQQNTPIGDGPVL
;
_entity_poly.pdbx_strand_id   A,B
#
# COMPACT_ATOMS: atom_id res chain seq x y z
N MET A 4 7.57 8.50 -13.93
CA MET A 4 7.38 7.31 -14.74
C MET A 4 6.92 6.14 -13.85
N LEU A 5 7.49 6.05 -12.64
CA LEU A 5 7.18 5.01 -11.67
C LEU A 5 5.90 5.38 -10.92
N PRO A 6 5.02 4.42 -10.64
CA PRO A 6 3.70 4.77 -10.12
C PRO A 6 3.72 5.05 -8.62
N ASP A 7 2.63 5.65 -8.16
CA ASP A 7 2.39 5.91 -6.75
C ASP A 7 1.68 4.73 -6.11
N ASN A 8 1.57 4.79 -4.79
CA ASN A 8 0.94 3.71 -4.05
C ASN A 8 -0.51 3.54 -4.49
N HIS A 9 -0.86 2.30 -4.83
CA HIS A 9 -2.21 1.93 -5.22
C HIS A 9 -2.34 0.43 -5.07
N TYR A 10 -3.52 -0.10 -5.41
CA TYR A 10 -3.77 -1.51 -5.27
C TYR A 10 -4.66 -2.01 -6.39
N LEU A 11 -4.67 -3.33 -6.57
CA LEU A 11 -5.51 -4.00 -7.55
C LEU A 11 -6.51 -4.89 -6.82
N SER A 12 -7.79 -4.67 -7.06
CA SER A 12 -8.85 -5.52 -6.53
C SER A 12 -9.17 -6.60 -7.57
N THR A 13 -9.08 -7.86 -7.17
CA THR A 13 -9.18 -8.98 -8.09
C THR A 13 -10.14 -10.04 -7.57
N GLN A 14 -11.04 -10.50 -8.44
CA GLN A 14 -11.96 -11.59 -8.14
C GLN A 14 -11.63 -12.77 -9.04
N THR A 15 -11.75 -13.98 -8.49
CA THR A 15 -11.31 -15.18 -9.20
C THR A 15 -12.35 -16.28 -9.03
N VAL A 16 -12.65 -16.97 -10.13
CA VAL A 16 -13.56 -18.11 -10.11
C VAL A 16 -12.84 -19.29 -10.76
N LEU A 17 -12.83 -20.42 -10.06
CA LEU A 17 -12.21 -21.65 -10.53
C LEU A 17 -13.29 -22.63 -10.95
N SER A 18 -13.08 -23.32 -12.07
CA SER A 18 -14.06 -24.27 -12.57
C SER A 18 -13.33 -25.36 -13.36
N LYS A 19 -14.12 -26.25 -13.96
CA LYS A 19 -13.60 -27.34 -14.78
C LYS A 19 -14.26 -27.33 -16.16
N ASP A 20 -13.60 -28.00 -17.10
CA ASP A 20 -14.09 -28.10 -18.48
C ASP A 20 -14.96 -29.34 -18.60
N PRO A 21 -16.20 -29.22 -19.08
CA PRO A 21 -17.05 -30.41 -19.21
C PRO A 21 -16.46 -31.47 -20.12
N ASN A 22 -15.46 -31.14 -20.93
CA ASN A 22 -14.77 -32.12 -21.76
C ASN A 22 -13.43 -32.55 -21.17
N GLU A 23 -12.77 -31.66 -20.43
CA GLU A 23 -11.49 -31.93 -19.77
C GLU A 23 -10.40 -32.28 -20.78
C LYS A 33 -7.95 -36.51 -17.54
N ARG A 34 -7.54 -35.42 -18.17
CA ARG A 34 -6.34 -34.71 -17.78
C ARG A 34 -6.60 -33.76 -16.61
N ASP A 35 -5.55 -33.47 -15.87
CA ASP A 35 -5.63 -32.49 -14.79
C ASP A 35 -5.68 -31.09 -15.40
N HIS A 36 -6.67 -30.30 -15.00
CA HIS A 36 -6.86 -29.01 -15.63
C HIS A 36 -7.57 -28.06 -14.67
N MET A 37 -7.51 -26.78 -15.01
CA MET A 37 -8.20 -25.73 -14.26
C MET A 37 -8.66 -24.66 -15.24
N VAL A 38 -9.92 -24.23 -15.08
CA VAL A 38 -10.48 -23.14 -15.85
C VAL A 38 -10.53 -21.91 -14.96
N LEU A 39 -9.96 -20.81 -15.43
CA LEU A 39 -9.75 -19.62 -14.63
C LEU A 39 -10.50 -18.45 -15.24
N HIS A 40 -11.31 -17.78 -14.43
CA HIS A 40 -11.95 -16.52 -14.78
C HIS A 40 -11.53 -15.48 -13.76
N GLU A 41 -10.98 -14.36 -14.23
CA GLU A 41 -10.44 -13.33 -13.35
C GLU A 41 -10.98 -11.96 -13.75
N TYR A 42 -11.15 -11.10 -12.74
CA TYR A 42 -11.56 -9.71 -12.94
C TYR A 42 -10.73 -8.84 -12.02
N VAL A 43 -9.96 -7.91 -12.59
CA VAL A 43 -9.01 -7.10 -11.83
C VAL A 43 -9.24 -5.62 -12.12
N ASN A 44 -9.24 -4.80 -11.07
CA ASN A 44 -9.45 -3.36 -11.18
C ASN A 44 -8.52 -2.63 -10.23
N ALA A 45 -7.91 -1.55 -10.72
CA ALA A 45 -6.99 -0.74 -9.93
C ALA A 45 -7.76 0.34 -9.17
N ALA A 46 -7.22 0.72 -8.02
CA ALA A 46 -7.85 1.71 -7.15
C ALA A 46 -6.83 2.20 -6.15
N GLY A 47 -7.18 3.27 -5.43
CA GLY A 47 -6.35 3.77 -4.36
C GLY A 47 -5.66 5.10 -4.59
N ILE A 48 -5.90 5.74 -5.71
CA ILE A 48 -5.34 7.03 -6.07
C ILE A 48 -6.40 8.13 -5.95
N THR A 49 -5.99 9.28 -5.45
CA THR A 49 -6.90 10.40 -5.21
C THR A 49 -7.98 10.79 -6.26
N HIS A 50 -7.61 10.98 -7.51
N SER A 64 2.56 6.71 -23.48
CA SER A 64 2.70 5.26 -23.34
C SER A 64 2.27 4.52 -24.60
N GLN A 65 3.25 4.08 -25.40
CA GLN A 65 2.95 3.30 -26.59
C GLN A 65 2.49 1.88 -26.27
N GLY A 66 2.63 1.43 -25.02
CA GLY A 66 2.24 0.09 -24.67
C GLY A 66 0.76 -0.09 -24.41
N GLU A 67 0.09 0.93 -23.89
CA GLU A 67 -1.35 0.83 -23.63
C GLU A 67 -2.16 0.65 -24.92
N GLU A 68 -1.66 1.11 -26.06
CA GLU A 68 -2.39 0.96 -27.32
C GLU A 68 -2.49 -0.50 -27.78
N LEU A 69 -1.67 -1.39 -27.21
CA LEU A 69 -1.69 -2.81 -27.57
C LEU A 69 -2.80 -3.59 -26.88
N PHE A 70 -3.46 -3.01 -25.87
CA PHE A 70 -4.47 -3.71 -25.10
C PHE A 70 -5.88 -3.13 -25.32
N THR A 71 -6.13 -2.59 -26.51
CA THR A 71 -7.45 -2.02 -26.83
C THR A 71 -8.41 -3.04 -27.43
N GLY A 72 -8.36 -4.29 -26.98
CA GLY A 72 -9.15 -5.35 -27.57
C GLY A 72 -8.76 -6.67 -26.98
N VAL A 73 -9.36 -7.73 -27.52
CA VAL A 73 -9.07 -9.07 -27.02
C VAL A 73 -7.67 -9.50 -27.44
N VAL A 74 -6.92 -10.07 -26.50
CA VAL A 74 -5.51 -10.40 -26.68
C VAL A 74 -5.33 -11.87 -26.37
N PRO A 75 -4.74 -12.66 -27.27
CA PRO A 75 -4.46 -14.06 -26.96
C PRO A 75 -3.35 -14.17 -25.91
N ILE A 76 -3.45 -15.21 -25.06
CA ILE A 76 -2.54 -15.41 -23.94
C ILE A 76 -2.03 -16.84 -23.94
N LEU A 77 -0.72 -17.00 -23.71
CA LEU A 77 -0.10 -18.30 -23.52
C LEU A 77 0.69 -18.28 -22.21
N VAL A 78 0.58 -19.37 -21.44
CA VAL A 78 1.27 -19.51 -20.16
C VAL A 78 2.01 -20.84 -20.17
N GLU A 79 3.25 -20.83 -19.68
CA GLU A 79 4.08 -22.03 -19.60
C GLU A 79 4.85 -22.03 -18.29
N LEU A 80 4.72 -23.10 -17.53
CA LEU A 80 5.33 -23.20 -16.20
C LEU A 80 5.98 -24.56 -16.03
N ASP A 81 7.17 -24.58 -15.43
CA ASP A 81 7.83 -25.81 -15.03
C ASP A 81 8.22 -25.70 -13.56
N GLY A 82 7.85 -26.71 -12.77
CA GLY A 82 7.91 -26.64 -11.33
C GLY A 82 8.71 -27.78 -10.73
N ASP A 83 9.01 -27.62 -9.44
CA ASP A 83 9.74 -28.65 -8.69
C ASP A 83 9.46 -28.41 -7.21
N VAL A 84 8.50 -29.14 -6.65
CA VAL A 84 8.09 -29.00 -5.25
C VAL A 84 8.56 -30.24 -4.52
N ASN A 85 9.56 -30.05 -3.65
CA ASN A 85 10.11 -31.13 -2.82
C ASN A 85 10.59 -32.30 -3.68
N GLY A 86 11.21 -31.99 -4.81
CA GLY A 86 11.70 -32.99 -5.74
C GLY A 86 10.70 -33.46 -6.76
N HIS A 87 9.41 -33.18 -6.56
CA HIS A 87 8.38 -33.58 -7.51
C HIS A 87 8.31 -32.56 -8.65
N LYS A 88 8.57 -33.01 -9.87
CA LYS A 88 8.61 -32.12 -11.03
C LYS A 88 7.29 -32.21 -11.79
N PHE A 89 6.89 -31.08 -12.35
CA PHE A 89 5.61 -31.01 -13.07
C PHE A 89 5.67 -29.87 -14.07
N SER A 90 4.67 -29.83 -14.95
CA SER A 90 4.58 -28.83 -16.00
C SER A 90 3.13 -28.49 -16.27
N VAL A 91 2.85 -27.20 -16.46
CA VAL A 91 1.52 -26.71 -16.74
C VAL A 91 1.61 -25.76 -17.94
N ARG A 92 0.65 -25.89 -18.85
CA ARG A 92 0.49 -24.95 -19.96
C ARG A 92 -0.97 -24.54 -20.07
N GLY A 93 -1.18 -23.31 -20.50
CA GLY A 93 -2.52 -22.74 -20.54
C GLY A 93 -2.71 -21.84 -21.74
N GLU A 94 -3.97 -21.73 -22.16
CA GLU A 94 -4.38 -20.88 -23.26
C GLU A 94 -5.56 -20.04 -22.82
N GLY A 95 -5.74 -18.90 -23.46
CA GLY A 95 -6.89 -18.06 -23.17
C GLY A 95 -6.80 -16.73 -23.87
N GLU A 96 -7.64 -15.79 -23.42
CA GLU A 96 -7.69 -14.46 -23.98
C GLU A 96 -7.97 -13.47 -22.85
N GLY A 97 -7.57 -12.22 -23.07
CA GLY A 97 -7.77 -11.18 -22.11
C GLY A 97 -8.36 -9.95 -22.76
N ASP A 98 -9.18 -9.23 -21.99
CA ASP A 98 -9.87 -8.03 -22.46
C ASP A 98 -9.60 -6.95 -21.42
N ALA A 99 -8.55 -6.16 -21.66
CA ALA A 99 -8.10 -5.17 -20.69
C ALA A 99 -9.05 -3.99 -20.54
N THR A 100 -10.01 -3.82 -21.46
CA THR A 100 -10.99 -2.76 -21.25
C THR A 100 -11.90 -3.07 -20.07
N ILE A 101 -12.23 -4.35 -19.87
CA ILE A 101 -13.02 -4.78 -18.73
CA ILE A 101 -13.02 -4.78 -18.74
C ILE A 101 -12.15 -5.25 -17.57
N GLY A 102 -10.87 -5.51 -17.80
CA GLY A 102 -10.09 -6.15 -16.77
C GLY A 102 -10.43 -7.61 -16.63
N LYS A 103 -10.79 -8.28 -17.73
CA LYS A 103 -11.26 -9.65 -17.72
C LYS A 103 -10.19 -10.60 -18.23
N LEU A 104 -10.19 -11.80 -17.67
CA LEU A 104 -9.23 -12.83 -18.01
C LEU A 104 -9.95 -14.17 -18.08
N THR A 105 -9.59 -14.98 -19.06
CA THR A 105 -10.19 -16.30 -19.22
C THR A 105 -9.10 -17.24 -19.70
N LEU A 106 -8.77 -18.23 -18.87
CA LEU A 106 -7.68 -19.14 -19.17
C LEU A 106 -8.08 -20.56 -18.81
N LYS A 107 -7.48 -21.50 -19.51
CA LYS A 107 -7.62 -22.92 -19.19
C LYS A 107 -6.24 -23.51 -19.13
N PHE A 108 -5.88 -24.08 -17.99
CA PHE A 108 -4.57 -24.67 -17.81
C PHE A 108 -4.68 -26.18 -17.82
N ILE A 109 -3.56 -26.83 -18.10
CA ILE A 109 -3.53 -28.27 -18.25
C ILE A 109 -2.19 -28.78 -17.75
N SER A 110 -2.22 -29.85 -16.96
CA SER A 110 -1.02 -30.53 -16.54
C SER A 110 -0.55 -31.47 -17.66
N THR A 111 0.64 -31.23 -18.18
CA THR A 111 1.25 -32.10 -19.18
C THR A 111 2.04 -33.22 -18.53
N THR A 112 1.75 -33.54 -17.26
CA THR A 112 2.52 -34.56 -16.54
C THR A 112 1.67 -35.33 -15.54
N GLY A 113 0.34 -35.38 -15.71
CA GLY A 113 -0.52 -36.09 -14.80
C GLY A 113 -0.89 -35.27 -13.58
N LYS A 114 -1.52 -35.95 -12.62
CA LYS A 114 -1.91 -35.34 -11.36
C LYS A 114 -0.75 -34.55 -10.75
N LEU A 115 -1.01 -33.28 -10.40
CA LEU A 115 0.06 -32.44 -9.90
C LEU A 115 0.35 -32.74 -8.43
N PRO A 116 1.59 -32.50 -7.98
CA PRO A 116 1.91 -32.74 -6.56
C PRO A 116 1.32 -31.70 -5.63
N VAL A 117 0.79 -30.60 -6.15
CA VAL A 117 0.29 -29.51 -5.32
C VAL A 117 -1.12 -29.18 -5.76
N PRO A 118 -1.91 -28.51 -4.92
CA PRO A 118 -3.26 -28.12 -5.31
C PRO A 118 -3.26 -27.00 -6.32
N TRP A 119 -4.26 -27.01 -7.21
CA TRP A 119 -4.39 -25.97 -8.21
C TRP A 119 -4.47 -24.56 -7.63
N PRO A 120 -5.17 -24.31 -6.50
CA PRO A 120 -5.19 -22.94 -5.97
C PRO A 120 -3.83 -22.36 -5.62
N THR A 121 -2.83 -23.19 -5.28
CA THR A 121 -1.54 -22.64 -4.89
C THR A 121 -0.79 -22.03 -6.05
N LEU A 122 -1.19 -22.33 -7.29
CA LEU A 122 -0.52 -21.81 -8.47
C LEU A 122 -1.30 -20.70 -9.15
N VAL A 123 -2.48 -20.35 -8.64
CA VAL A 123 -3.34 -19.39 -9.31
C VAL A 123 -2.63 -18.05 -9.47
N THR A 124 -2.02 -17.55 -8.39
CA THR A 124 -1.32 -16.27 -8.47
C THR A 124 -0.08 -16.35 -9.35
N THR A 125 0.43 -17.54 -9.61
CA THR A 125 1.61 -17.70 -10.46
C THR A 125 1.24 -17.87 -11.94
N LEU A 126 0.20 -18.63 -12.24
CA LEU A 126 -0.27 -18.82 -13.60
C LEU A 126 -0.98 -17.57 -14.12
N VAL A 128 -1.01 -12.20 -14.86
CA VAL A 128 -0.41 -11.81 -16.11
C VAL A 128 -0.85 -10.34 -16.00
N GLN A 129 -0.41 -9.63 -14.97
CA GLN A 129 -1.15 -8.46 -14.47
C GLN A 129 -1.20 -7.27 -15.41
N ALA A 130 -0.80 -7.38 -16.67
CA ALA A 130 -1.02 -6.28 -17.60
C ALA A 130 -2.47 -6.19 -18.08
N PHE A 131 -3.34 -7.10 -17.65
CA PHE A 131 -4.74 -7.03 -18.03
C PHE A 131 -5.60 -6.41 -16.94
N SER A 132 -4.99 -5.76 -15.95
CA SER A 132 -5.78 -5.04 -14.96
C SER A 132 -6.42 -3.83 -15.61
N ARG A 133 -7.64 -3.52 -15.17
CA ARG A 133 -8.36 -2.34 -15.66
C ARG A 133 -7.96 -1.15 -14.79
N TYR A 134 -7.29 -0.19 -15.39
CA TYR A 134 -6.96 1.05 -14.70
C TYR A 134 -7.98 2.11 -15.08
N PRO A 135 -8.62 2.78 -14.11
CA PRO A 135 -9.50 3.90 -14.45
C PRO A 135 -8.73 4.99 -15.17
N ASP A 136 -9.48 5.83 -15.91
CA ASP A 136 -8.85 6.83 -16.76
C ASP A 136 -8.05 7.84 -15.96
N HIS A 137 -8.49 8.16 -14.73
CA HIS A 137 -7.77 9.14 -13.93
C HIS A 137 -6.46 8.60 -13.35
N MET A 138 -6.17 7.31 -13.47
CA MET A 138 -4.91 6.77 -12.97
C MET A 138 -4.17 5.97 -14.04
N LYS A 139 -4.48 6.19 -15.31
CA LYS A 139 -3.80 5.47 -16.39
C LYS A 139 -2.29 5.75 -16.40
N ARG A 140 -1.84 6.86 -15.81
CA ARG A 140 -0.41 7.17 -15.74
C ARG A 140 0.32 6.32 -14.71
N HIS A 141 -0.36 5.36 -14.06
CA HIS A 141 0.25 4.53 -13.04
C HIS A 141 0.27 3.04 -13.40
N ASP A 142 -0.09 2.67 -14.63
CA ASP A 142 -0.08 1.26 -15.01
C ASP A 142 1.32 0.95 -15.53
N PHE A 143 2.10 0.27 -14.70
CA PHE A 143 3.46 -0.09 -15.07
C PHE A 143 3.49 -1.28 -16.01
N PHE A 144 2.50 -2.18 -15.89
CA PHE A 144 2.53 -3.43 -16.64
C PHE A 144 2.35 -3.18 -18.13
N LYS A 145 1.44 -2.29 -18.50
CA LYS A 145 1.24 -1.99 -19.91
C LYS A 145 2.37 -1.13 -20.47
N SER A 146 2.96 -0.26 -19.64
CA SER A 146 4.01 0.62 -20.11
C SER A 146 5.29 -0.14 -20.49
N ALA A 147 5.50 -1.34 -19.96
CA ALA A 147 6.69 -2.11 -20.26
C ALA A 147 6.56 -2.94 -21.54
N MET A 148 5.35 -3.00 -22.14
CA MET A 148 5.07 -3.77 -23.34
C MET A 148 5.41 -2.94 -24.58
N PRO A 149 5.85 -3.58 -25.68
CA PRO A 149 5.86 -5.02 -25.92
C PRO A 149 7.11 -5.74 -25.39
N GLU A 150 8.10 -5.00 -24.88
CA GLU A 150 9.34 -5.63 -24.46
C GLU A 150 9.14 -6.51 -23.23
N GLY A 151 8.25 -6.11 -22.32
CA GLY A 151 7.89 -6.94 -21.19
C GLY A 151 8.67 -6.68 -19.93
N TYR A 152 8.35 -7.47 -18.90
CA TYR A 152 8.93 -7.32 -17.58
C TYR A 152 9.22 -8.68 -16.98
N VAL A 153 10.03 -8.68 -15.93
CA VAL A 153 10.37 -9.87 -15.18
C VAL A 153 9.63 -9.81 -13.85
N GLN A 154 8.89 -10.87 -13.53
CA GLN A 154 8.14 -10.96 -12.28
C GLN A 154 8.78 -12.03 -11.40
N GLU A 155 9.27 -11.61 -10.23
CA GLU A 155 9.87 -12.52 -9.27
C GLU A 155 9.08 -12.48 -7.98
N ARG A 156 8.96 -13.64 -7.33
CA ARG A 156 8.05 -13.75 -6.20
C ARG A 156 8.60 -14.78 -5.21
N THR A 157 8.26 -14.57 -3.95
CA THR A 157 8.48 -15.56 -2.89
C THR A 157 7.17 -15.73 -2.14
N ILE A 158 6.55 -16.89 -2.30
CA ILE A 158 5.30 -17.21 -1.61
C ILE A 158 5.66 -18.06 -0.39
N SER A 159 5.29 -17.58 0.78
CA SER A 159 5.59 -18.25 2.04
C SER A 159 4.28 -18.68 2.69
N PHE A 160 4.07 -20.00 2.78
CA PHE A 160 2.90 -20.56 3.43
C PHE A 160 3.16 -20.67 4.92
N LYS A 161 2.23 -20.15 5.73
CA LYS A 161 2.45 -20.10 7.17
C LYS A 161 2.54 -21.51 7.74
N ASP A 162 3.59 -21.74 8.53
CA ASP A 162 3.86 -23.05 9.13
C ASP A 162 3.99 -24.14 8.07
N ASP A 163 4.62 -23.82 6.95
CA ASP A 163 4.84 -24.79 5.89
C ASP A 163 5.97 -24.29 4.99
N GLY A 164 6.01 -24.81 3.77
CA GLY A 164 7.08 -24.51 2.84
C GLY A 164 6.92 -23.19 2.13
N LYS A 165 7.62 -23.06 1.01
CA LYS A 165 7.68 -21.78 0.31
C LYS A 165 7.82 -22.01 -1.17
N TYR A 166 7.33 -21.06 -1.96
CA TYR A 166 7.50 -21.02 -3.40
C TYR A 166 8.47 -19.90 -3.75
N LYS A 167 9.32 -20.15 -4.73
CA LYS A 167 10.21 -19.13 -5.28
C LYS A 167 10.06 -19.16 -6.80
N THR A 168 9.52 -18.08 -7.37
CA THR A 168 9.19 -18.04 -8.79
C THR A 168 9.89 -16.88 -9.48
N ARG A 169 10.14 -17.05 -10.77
CA ARG A 169 10.65 -16.00 -11.65
C ARG A 169 10.03 -16.22 -13.02
N ALA A 170 9.56 -15.13 -13.63
CA ALA A 170 8.77 -15.24 -14.85
C ALA A 170 9.10 -14.10 -15.79
N VAL A 171 8.92 -14.36 -17.08
CA VAL A 171 9.06 -13.36 -18.13
C VAL A 171 7.71 -13.20 -18.80
N VAL A 172 7.18 -11.99 -18.80
CA VAL A 172 5.90 -11.67 -19.42
C VAL A 172 6.18 -10.67 -20.53
N LYS A 173 5.85 -11.03 -21.77
CA LYS A 173 6.15 -10.17 -22.91
C LYS A 173 5.26 -10.57 -24.07
N PHE A 174 5.36 -9.80 -25.15
CA PHE A 174 4.63 -10.05 -26.37
C PHE A 174 5.49 -10.84 -27.34
N GLU A 175 4.91 -11.87 -27.95
CA GLU A 175 5.55 -12.64 -29.00
C GLU A 175 4.60 -12.58 -30.19
N GLY A 176 4.89 -11.65 -31.10
CA GLY A 176 3.95 -11.31 -32.15
C GLY A 176 2.82 -10.50 -31.54
N ASP A 177 1.60 -11.05 -31.59
CA ASP A 177 0.45 -10.41 -30.98
C ASP A 177 -0.13 -11.23 -29.85
N THR A 178 0.65 -12.13 -29.27
CA THR A 178 0.21 -12.99 -28.18
C THR A 178 1.01 -12.65 -26.95
N LEU A 179 0.33 -12.54 -25.82
CA LEU A 179 1.01 -12.34 -24.54
C LEU A 179 1.43 -13.68 -23.98
N VAL A 180 2.72 -13.81 -23.65
CA VAL A 180 3.31 -15.06 -23.21
C VAL A 180 3.83 -14.89 -21.80
N ASN A 181 3.52 -15.87 -20.94
CA ASN A 181 3.98 -15.90 -19.56
C ASN A 181 4.75 -17.20 -19.35
N ARG A 182 6.07 -17.09 -19.17
CA ARG A 182 6.95 -18.24 -18.95
C ARG A 182 7.53 -18.14 -17.55
N ILE A 183 7.22 -19.12 -16.69
CA ILE A 183 7.54 -19.05 -15.27
C ILE A 183 8.42 -20.22 -14.87
N GLU A 184 9.26 -19.98 -13.86
CA GLU A 184 10.12 -21.00 -13.26
C GLU A 184 9.82 -21.05 -11.76
N LEU A 185 9.35 -22.21 -11.29
CA LEU A 185 8.91 -22.37 -9.92
C LEU A 185 9.78 -23.39 -9.17
N LYS A 186 10.03 -23.13 -7.89
CA LYS A 186 10.82 -24.03 -7.06
C LYS A 186 10.31 -23.97 -5.63
N GLY A 187 9.60 -25.00 -5.18
CA GLY A 187 9.10 -25.09 -3.82
C GLY A 187 10.01 -25.96 -2.95
N THR A 188 10.20 -25.52 -1.70
CA THR A 188 11.09 -26.23 -0.77
C THR A 188 10.47 -26.30 0.61
N ASP A 189 10.96 -27.27 1.39
CA ASP A 189 10.68 -27.37 2.83
C ASP A 189 9.19 -27.53 3.12
N PHE A 190 8.49 -28.24 2.24
CA PHE A 190 7.06 -28.49 2.42
C PHE A 190 6.86 -29.75 3.25
N LYS A 191 6.00 -29.66 4.25
CA LYS A 191 5.73 -30.81 5.12
C LYS A 191 4.86 -31.82 4.39
N GLU A 192 5.24 -33.09 4.46
CA GLU A 192 4.46 -34.14 3.83
C GLU A 192 3.09 -34.34 4.45
N ASP A 193 2.86 -33.79 5.65
CA ASP A 193 1.58 -33.89 6.35
C ASP A 193 0.74 -32.61 6.25
N GLY A 194 1.16 -31.66 5.42
CA GLY A 194 0.58 -30.33 5.43
C GLY A 194 -0.57 -30.15 4.45
N ASN A 195 -1.09 -28.92 4.45
CA ASN A 195 -2.25 -28.62 3.61
C ASN A 195 -1.91 -28.57 2.13
N ILE A 196 -0.65 -28.25 1.79
CA ILE A 196 -0.27 -28.15 0.39
C ILE A 196 -0.02 -29.54 -0.18
N LEU A 197 1.02 -30.22 0.32
CA LEU A 197 1.34 -31.54 -0.19
C LEU A 197 0.23 -32.55 0.08
N GLY A 198 -0.47 -32.40 1.20
CA GLY A 198 -1.57 -33.29 1.53
C GLY A 198 -2.87 -33.02 0.82
N HIS A 199 -2.91 -32.02 -0.06
CA HIS A 199 -4.08 -31.67 -0.85
C HIS A 199 -5.31 -31.49 0.03
N LYS A 200 -5.24 -30.47 0.90
CA LYS A 200 -6.30 -30.20 1.85
C LYS A 200 -7.00 -28.87 1.60
N LEU A 201 -6.68 -28.19 0.49
CA LEU A 201 -7.27 -26.90 0.18
C LEU A 201 -8.49 -27.09 -0.73
N GLU A 202 -9.53 -26.30 -0.48
CA GLU A 202 -10.73 -26.35 -1.30
C GLU A 202 -10.45 -25.79 -2.69
N TYR A 203 -11.30 -26.17 -3.65
CA TYR A 203 -11.14 -25.75 -5.03
C TYR A 203 -11.92 -24.46 -5.26
N ASN A 204 -11.39 -23.38 -4.69
CA ASN A 204 -11.96 -22.06 -4.85
C ASN A 204 -10.88 -21.04 -4.56
N PHE A 205 -11.22 -19.76 -4.72
CA PHE A 205 -10.29 -18.68 -4.47
C PHE A 205 -11.06 -17.50 -3.89
N ASN A 206 -10.45 -16.83 -2.92
CA ASN A 206 -11.04 -15.64 -2.34
C ASN A 206 -10.63 -14.42 -3.14
N SER A 207 -11.17 -13.25 -2.76
CA SER A 207 -10.82 -11.98 -3.37
C SER A 207 -9.72 -11.30 -2.57
N HIS A 208 -8.76 -10.72 -3.27
CA HIS A 208 -7.57 -10.15 -2.64
C HIS A 208 -7.28 -8.77 -3.21
N ASN A 209 -6.60 -7.95 -2.42
CA ASN A 209 -6.12 -6.64 -2.83
C ASN A 209 -4.59 -6.70 -2.93
N VAL A 210 -4.06 -6.41 -4.12
CA VAL A 210 -2.63 -6.46 -4.39
C VAL A 210 -2.08 -5.05 -4.30
N TYR A 211 -1.35 -4.75 -3.24
CA TYR A 211 -0.83 -3.40 -3.02
C TYR A 211 0.49 -3.23 -3.75
N ILE A 212 0.59 -2.16 -4.55
CA ILE A 212 1.73 -1.89 -5.42
C ILE A 212 2.48 -0.68 -4.89
N THR A 213 3.81 -0.74 -4.93
CA THR A 213 4.64 0.38 -4.52
C THR A 213 5.83 0.48 -5.46
N ALA A 214 6.35 1.70 -5.62
CA ALA A 214 7.46 1.93 -6.52
C ALA A 214 8.79 1.59 -5.87
N ASP A 215 9.72 1.09 -6.68
CA ASP A 215 11.08 0.77 -6.27
C ASP A 215 12.04 1.46 -7.23
N LYS A 216 12.45 2.68 -6.89
CA LYS A 216 13.29 3.47 -7.78
C LYS A 216 14.71 2.92 -7.88
N GLN A 217 15.18 2.19 -6.87
CA GLN A 217 16.55 1.68 -6.89
C GLN A 217 16.74 0.58 -7.92
N LYS A 218 15.66 -0.02 -8.42
CA LYS A 218 15.74 -1.01 -9.48
C LYS A 218 14.82 -0.66 -10.65
N ASN A 219 14.28 0.56 -10.68
CA ASN A 219 13.44 1.05 -11.77
C ASN A 219 12.24 0.15 -12.03
N GLY A 220 11.70 -0.47 -10.98
CA GLY A 220 10.54 -1.31 -11.12
C GLY A 220 9.54 -1.07 -10.00
N ILE A 221 8.72 -2.07 -9.69
CA ILE A 221 7.73 -1.97 -8.62
C ILE A 221 7.88 -3.16 -7.68
N LYS A 222 7.24 -3.04 -6.52
CA LYS A 222 7.13 -4.12 -5.56
C LYS A 222 5.66 -4.28 -5.18
N ALA A 223 5.26 -5.51 -4.90
CA ALA A 223 3.87 -5.80 -4.56
C ALA A 223 3.83 -6.65 -3.30
N ASN A 224 2.72 -6.56 -2.59
CA ASN A 224 2.59 -7.26 -1.31
C ASN A 224 1.13 -7.56 -1.02
N PHE A 225 0.84 -8.81 -0.68
CA PHE A 225 -0.50 -9.22 -0.27
C PHE A 225 -0.41 -10.59 0.38
N THR A 226 -1.45 -10.93 1.15
CA THR A 226 -1.57 -12.24 1.80
C THR A 226 -2.80 -12.95 1.26
N VAL A 227 -2.59 -14.12 0.66
CA VAL A 227 -3.66 -14.92 0.07
C VAL A 227 -4.24 -15.84 1.12
N ARG A 228 -5.56 -15.94 1.17
CA ARG A 228 -6.28 -16.79 2.10
C ARG A 228 -6.76 -18.04 1.36
N HIS A 229 -6.26 -19.20 1.77
CA HIS A 229 -6.65 -20.48 1.19
C HIS A 229 -7.60 -21.19 2.15
N ASN A 230 -8.79 -21.53 1.68
CA ASN A 230 -9.77 -22.23 2.51
C ASN A 230 -9.41 -23.70 2.59
N VAL A 231 -9.27 -24.21 3.79
CA VAL A 231 -8.99 -25.61 4.01
C VAL A 231 -10.33 -26.32 4.17
N GLU A 232 -10.38 -27.60 3.77
CA GLU A 232 -11.66 -28.32 3.76
C GLU A 232 -12.28 -28.40 5.15
N ASP A 233 -11.45 -28.45 6.19
CA ASP A 233 -11.97 -28.54 7.56
C ASP A 233 -12.60 -27.25 8.06
N GLY A 234 -12.42 -26.14 7.34
CA GLY A 234 -12.97 -24.85 7.75
C GLY A 234 -11.94 -23.85 8.24
N SER A 235 -10.69 -24.25 8.43
CA SER A 235 -9.66 -23.30 8.83
C SER A 235 -9.10 -22.61 7.58
N VAL A 236 -8.14 -21.72 7.78
CA VAL A 236 -7.55 -20.92 6.71
C VAL A 236 -6.05 -21.18 6.65
N GLN A 237 -5.53 -21.30 5.43
CA GLN A 237 -4.10 -21.41 5.19
C GLN A 237 -3.62 -20.09 4.60
N LEU A 238 -2.68 -19.43 5.29
CA LEU A 238 -2.15 -18.15 4.84
C LEU A 238 -0.92 -18.33 3.97
N ALA A 239 -0.86 -17.54 2.89
CA ALA A 239 0.28 -17.52 1.98
C ALA A 239 0.68 -16.07 1.76
N ASP A 240 1.87 -15.71 2.22
CA ASP A 240 2.35 -14.33 2.12
C ASP A 240 3.13 -14.15 0.83
N HIS A 241 2.79 -13.12 0.07
CA HIS A 241 3.33 -12.89 -1.26
C HIS A 241 4.24 -11.67 -1.25
N TYR A 242 5.47 -11.85 -1.71
CA TYR A 242 6.46 -10.79 -1.88
C TYR A 242 6.89 -10.78 -3.33
N GLN A 243 6.48 -9.76 -4.06
CA GLN A 243 6.59 -9.75 -5.52
C GLN A 243 7.41 -8.53 -5.96
N GLN A 244 8.19 -8.71 -7.00
CA GLN A 244 9.02 -7.64 -7.54
C GLN A 244 9.01 -7.74 -9.07
N ASN A 245 8.87 -6.59 -9.74
CA ASN A 245 8.73 -6.52 -11.20
C ASN A 245 9.73 -5.53 -11.77
N THR A 246 10.50 -5.99 -12.76
CA THR A 246 11.51 -5.14 -13.39
C THR A 246 11.36 -5.19 -14.89
N PRO A 247 11.46 -4.04 -15.57
CA PRO A 247 11.31 -4.02 -17.03
C PRO A 247 12.51 -4.63 -17.73
N ILE A 248 12.33 -4.92 -19.02
CA ILE A 248 13.34 -5.58 -19.85
C ILE A 248 14.01 -4.60 -20.81
N GLY A 249 13.23 -3.98 -21.70
CA GLY A 249 13.77 -3.04 -22.66
C GLY A 249 14.07 -1.67 -22.07
N MET B 4 -3.54 -6.32 17.22
CA MET B 4 -2.11 -6.20 16.97
C MET B 4 -1.82 -5.65 15.56
N LEU B 5 -1.09 -6.41 14.74
CA LEU B 5 -0.63 -5.88 13.46
C LEU B 5 -1.73 -5.96 12.39
N PRO B 6 -1.93 -4.90 11.62
CA PRO B 6 -3.02 -4.86 10.64
C PRO B 6 -2.59 -5.41 9.29
N ASP B 7 -3.58 -5.55 8.41
CA ASP B 7 -3.32 -5.87 7.02
C ASP B 7 -3.10 -4.57 6.24
N ASN B 8 -2.67 -4.71 4.99
CA ASN B 8 -2.41 -3.54 4.15
C ASN B 8 -3.67 -2.73 3.92
N HIS B 9 -3.57 -1.43 4.14
CA HIS B 9 -4.68 -0.50 3.89
C HIS B 9 -4.12 0.92 3.81
N TYR B 10 -5.00 1.89 3.64
CA TYR B 10 -4.57 3.28 3.56
C TYR B 10 -5.62 4.19 4.20
N LEU B 11 -5.20 5.41 4.51
CA LEU B 11 -6.08 6.43 5.07
C LEU B 11 -6.21 7.57 4.07
N SER B 12 -7.45 7.87 3.69
CA SER B 12 -7.73 9.00 2.81
C SER B 12 -7.96 10.24 3.67
N THR B 13 -7.19 11.30 3.41
CA THR B 13 -7.17 12.47 4.28
C THR B 13 -7.39 13.73 3.44
N GLN B 14 -8.34 14.56 3.87
CA GLN B 14 -8.60 15.87 3.30
C GLN B 14 -8.40 16.94 4.37
N THR B 15 -7.80 18.07 3.98
CA THR B 15 -7.35 19.06 4.95
C THR B 15 -7.73 20.47 4.50
N VAL B 16 -8.18 21.29 5.44
CA VAL B 16 -8.51 22.70 5.19
C VAL B 16 -7.76 23.57 6.18
N LEU B 17 -7.02 24.55 5.66
CA LEU B 17 -6.27 25.51 6.47
C LEU B 17 -6.97 26.86 6.45
N SER B 18 -7.02 27.52 7.60
CA SER B 18 -7.66 28.82 7.69
C SER B 18 -7.01 29.60 8.83
N LYS B 19 -7.59 30.76 9.15
CA LYS B 19 -7.12 31.62 10.22
C LYS B 19 -8.26 31.87 11.19
N ASP B 20 -7.90 32.31 12.39
CA ASP B 20 -8.89 32.62 13.43
C ASP B 20 -9.29 34.08 13.32
N PRO B 21 -10.56 34.40 13.11
CA PRO B 21 -10.99 35.82 13.03
C PRO B 21 -10.80 36.59 14.33
N ASN B 22 -10.62 35.91 15.45
CA ASN B 22 -10.42 36.58 16.74
C ASN B 22 -8.93 36.53 17.09
N GLU B 23 -8.17 37.33 16.34
CA GLU B 23 -6.72 37.46 16.49
C GLU B 23 -6.28 37.70 17.94
C LYS B 33 -0.55 38.12 15.77
N ARG B 34 -0.63 37.02 16.50
CA ARG B 34 0.44 36.04 16.54
C ARG B 34 0.34 35.09 15.34
N ASP B 35 1.47 34.44 15.02
CA ASP B 35 1.49 33.46 13.95
C ASP B 35 0.75 32.21 14.38
N HIS B 36 -0.20 31.78 13.56
CA HIS B 36 -1.10 30.69 13.93
C HIS B 36 -1.62 30.01 12.69
N MET B 37 -2.18 28.82 12.87
CA MET B 37 -2.83 28.09 11.80
C MET B 37 -4.01 27.31 12.36
N VAL B 38 -5.17 27.42 11.71
CA VAL B 38 -6.35 26.64 12.07
C VAL B 38 -6.54 25.55 11.03
N LEU B 39 -6.64 24.31 11.50
CA LEU B 39 -6.67 23.14 10.64
C LEU B 39 -7.98 22.38 10.87
N HIS B 40 -8.66 22.04 9.78
CA HIS B 40 -9.80 21.13 9.80
C HIS B 40 -9.48 19.96 8.89
N GLU B 41 -9.54 18.75 9.44
CA GLU B 41 -9.14 17.57 8.68
C GLU B 41 -10.22 16.49 8.83
N TYR B 42 -10.34 15.66 7.79
CA TYR B 42 -11.27 14.54 7.78
C TYR B 42 -10.55 13.33 7.19
N VAL B 43 -10.46 12.25 7.97
CA VAL B 43 -9.69 11.07 7.58
C VAL B 43 -10.58 9.83 7.70
N ASN B 44 -10.49 8.96 6.70
CA ASN B 44 -11.25 7.72 6.66
C ASN B 44 -10.38 6.62 6.09
N ALA B 45 -10.43 5.45 6.71
CA ALA B 45 -9.63 4.31 6.29
C ALA B 45 -10.35 3.53 5.19
N ALA B 46 -9.56 2.87 4.35
CA ALA B 46 -10.09 2.14 3.21
C ALA B 46 -9.03 1.18 2.69
N GLY B 47 -9.46 0.28 1.81
CA GLY B 47 -8.55 -0.64 1.13
C GLY B 47 -8.69 -2.10 1.46
N ILE B 48 -9.70 -2.48 2.24
CA ILE B 48 -9.94 -3.87 2.64
C ILE B 48 -11.28 -4.30 2.08
N THR B 49 -11.37 -5.53 1.60
CA THR B 49 -12.66 -6.14 1.25
C THR B 49 -13.73 -5.96 2.32
C SER B 64 -10.50 -2.73 22.88
N GLN B 65 -9.79 -2.70 24.01
CA GLN B 65 -10.07 -1.73 25.06
C GLN B 65 -9.64 -0.32 24.68
N GLY B 66 -8.86 -0.16 23.60
CA GLY B 66 -8.44 1.16 23.20
C GLY B 66 -9.49 1.90 22.38
N GLU B 67 -10.26 1.17 21.57
CA GLU B 67 -11.30 1.82 20.78
C GLU B 67 -12.39 2.41 21.66
N GLU B 68 -12.57 1.86 22.88
CA GLU B 68 -13.58 2.35 23.81
C GLU B 68 -13.25 3.74 24.34
N LEU B 69 -12.00 4.20 24.20
CA LEU B 69 -11.63 5.52 24.65
C LEU B 69 -12.03 6.62 23.66
N PHE B 70 -12.43 6.24 22.44
CA PHE B 70 -12.77 7.18 21.38
C PHE B 70 -14.25 7.13 21.03
N THR B 71 -15.11 6.85 22.01
CA THR B 71 -16.56 6.81 21.82
C THR B 71 -17.19 8.18 22.03
N GLY B 72 -16.50 9.23 21.61
CA GLY B 72 -16.98 10.57 21.82
C GLY B 72 -15.88 11.56 21.48
N VAL B 73 -16.20 12.84 21.70
CA VAL B 73 -15.25 13.91 21.41
C VAL B 73 -14.17 13.91 22.49
N VAL B 74 -12.92 14.03 22.06
CA VAL B 74 -11.76 13.92 22.93
C VAL B 74 -10.94 15.19 22.76
N PRO B 75 -10.59 15.89 23.85
CA PRO B 75 -9.70 17.06 23.71
C PRO B 75 -8.30 16.66 23.32
N ILE B 76 -7.63 17.55 22.59
CA ILE B 76 -6.31 17.30 22.02
C ILE B 76 -5.38 18.47 22.35
N LEU B 77 -4.17 18.15 22.80
CA LEU B 77 -3.13 19.15 23.00
C LEU B 77 -1.87 18.73 22.27
N VAL B 78 -1.23 19.68 21.60
CA VAL B 78 -0.05 19.41 20.80
C VAL B 78 1.06 20.37 21.21
N GLU B 79 2.28 19.85 21.30
CA GLU B 79 3.47 20.62 21.63
C GLU B 79 4.60 20.13 20.73
N LEU B 80 5.21 21.06 20.01
CA LEU B 80 6.30 20.77 19.07
C LEU B 80 7.39 21.80 19.29
N ASP B 81 8.64 21.37 19.35
CA ASP B 81 9.78 22.28 19.34
C ASP B 81 10.75 21.86 18.25
N GLY B 82 11.12 22.81 17.39
CA GLY B 82 11.83 22.50 16.17
C GLY B 82 13.14 23.26 16.05
N ASP B 83 13.93 22.85 15.06
CA ASP B 83 15.20 23.50 14.77
C ASP B 83 15.58 23.15 13.32
N VAL B 84 15.31 24.07 12.41
CA VAL B 84 15.56 23.90 10.98
C VAL B 84 16.71 24.81 10.60
N ASN B 85 17.86 24.19 10.29
CA ASN B 85 19.06 24.92 9.88
C ASN B 85 19.50 25.92 10.94
N GLY B 86 19.43 25.51 12.21
CA GLY B 86 19.83 26.36 13.31
C GLY B 86 18.76 27.29 13.83
N HIS B 87 17.69 27.49 13.08
CA HIS B 87 16.60 28.37 13.52
C HIS B 87 15.66 27.58 14.43
N LYS B 88 15.52 28.02 15.67
CA LYS B 88 14.71 27.32 16.66
C LYS B 88 13.34 27.96 16.78
N PHE B 89 12.32 27.14 17.01
CA PHE B 89 10.94 27.60 17.11
C PHE B 89 10.15 26.61 17.93
N SER B 90 8.93 27.02 18.30
CA SER B 90 8.07 26.19 19.12
C SER B 90 6.61 26.45 18.76
N VAL B 91 5.81 25.39 18.75
CA VAL B 91 4.38 25.45 18.40
C VAL B 91 3.57 24.72 19.47
N ARG B 92 2.43 25.30 19.84
CA ARG B 92 1.49 24.67 20.75
C ARG B 92 0.10 24.68 20.12
N GLY B 93 -0.68 23.64 20.39
CA GLY B 93 -1.98 23.50 19.76
C GLY B 93 -3.01 22.88 20.68
N GLU B 94 -4.26 23.24 20.44
CA GLU B 94 -5.41 22.68 21.14
C GLU B 94 -6.51 22.37 20.14
N GLY B 95 -7.37 21.42 20.50
CA GLY B 95 -8.49 21.09 19.64
C GLY B 95 -9.25 19.90 20.18
N GLU B 96 -10.10 19.34 19.32
CA GLU B 96 -10.89 18.17 19.68
C GLU B 96 -11.06 17.27 18.46
N GLY B 97 -11.23 15.98 18.71
CA GLY B 97 -11.40 15.01 17.64
C GLY B 97 -12.49 14.01 17.97
N ASP B 98 -13.16 13.54 16.91
CA ASP B 98 -14.24 12.56 17.04
C ASP B 98 -14.02 11.45 16.00
N ALA B 99 -13.51 10.32 16.45
CA ALA B 99 -13.20 9.22 15.53
C ALA B 99 -14.43 8.54 14.96
N THR B 100 -15.62 8.81 15.50
CA THR B 100 -16.84 8.23 14.93
C THR B 100 -17.14 8.85 13.57
N ILE B 101 -16.99 10.17 13.45
CA ILE B 101 -17.17 10.86 12.17
C ILE B 101 -15.87 10.93 11.38
N GLY B 102 -14.71 10.87 12.05
CA GLY B 102 -13.44 11.05 11.39
C GLY B 102 -13.04 12.49 11.25
N LYS B 103 -13.46 13.34 12.18
CA LYS B 103 -13.29 14.79 12.10
C LYS B 103 -12.20 15.23 13.06
N LEU B 104 -11.46 16.27 12.67
CA LEU B 104 -10.39 16.83 13.47
C LEU B 104 -10.39 18.33 13.29
N THR B 105 -10.17 19.06 14.40
CA THR B 105 -10.13 20.51 14.37
C THR B 105 -9.12 20.99 15.39
N LEU B 106 -8.10 21.71 14.92
CA LEU B 106 -7.01 22.15 15.79
C LEU B 106 -6.67 23.59 15.49
N LYS B 107 -6.12 24.27 16.50
CA LYS B 107 -5.61 25.63 16.37
C LYS B 107 -4.19 25.65 16.92
N PHE B 108 -3.24 26.06 16.09
CA PHE B 108 -1.83 26.09 16.46
C PHE B 108 -1.37 27.54 16.63
N ILE B 109 -0.25 27.70 17.34
CA ILE B 109 0.27 29.01 17.65
C ILE B 109 1.80 28.92 17.68
N SER B 110 2.46 29.90 17.09
CA SER B 110 3.91 30.02 17.22
C SER B 110 4.22 30.70 18.55
N THR B 111 4.88 29.98 19.45
CA THR B 111 5.29 30.53 20.74
C THR B 111 6.66 31.21 20.67
N THR B 112 7.12 31.57 19.47
CA THR B 112 8.43 32.19 19.31
C THR B 112 8.44 33.19 18.15
N GLY B 113 7.29 33.73 17.77
CA GLY B 113 7.24 34.69 16.69
C GLY B 113 7.24 34.02 15.33
N LYS B 114 7.40 34.86 14.30
CA LYS B 114 7.47 34.40 12.92
C LYS B 114 8.40 33.21 12.77
N LEU B 115 7.86 32.10 12.22
CA LEU B 115 8.57 30.84 12.12
C LEU B 115 9.49 30.83 10.90
N PRO B 116 10.58 30.05 10.95
CA PRO B 116 11.49 29.98 9.80
C PRO B 116 10.99 29.16 8.63
N VAL B 117 9.91 28.38 8.79
CA VAL B 117 9.45 27.50 7.72
C VAL B 117 7.97 27.76 7.48
N PRO B 118 7.46 27.34 6.32
CA PRO B 118 6.03 27.53 6.03
C PRO B 118 5.16 26.59 6.85
N TRP B 119 3.96 27.07 7.16
CA TRP B 119 2.98 26.24 7.88
C TRP B 119 2.64 24.94 7.16
N PRO B 120 2.49 24.90 5.83
CA PRO B 120 2.16 23.61 5.19
C PRO B 120 3.20 22.53 5.43
N THR B 121 4.47 22.88 5.67
CA THR B 121 5.49 21.85 5.87
C THR B 121 5.34 21.13 7.20
N LEU B 122 4.58 21.68 8.15
CA LEU B 122 4.42 21.08 9.46
C LEU B 122 3.07 20.42 9.67
N VAL B 123 2.17 20.47 8.68
CA VAL B 123 0.82 19.94 8.88
C VAL B 123 0.87 18.45 9.20
N THR B 124 1.61 17.67 8.43
CA THR B 124 1.65 16.23 8.67
C THR B 124 2.40 15.89 9.96
N THR B 125 3.19 16.82 10.49
CA THR B 125 3.93 16.57 11.72
C THR B 125 3.12 16.94 12.95
N LEU B 126 2.34 18.03 12.86
CA LEU B 126 1.51 18.44 13.98
C LEU B 126 0.34 17.50 14.15
N VAL B 128 -1.89 12.88 14.80
CA VAL B 128 -2.80 12.21 15.70
C VAL B 128 -3.72 11.30 14.90
N GLN B 129 -3.12 10.32 14.25
CA GLN B 129 -3.84 9.44 13.35
C GLN B 129 -4.82 8.50 13.97
N ALA B 130 -4.93 8.60 15.27
CA ALA B 130 -5.85 7.77 16.04
C ALA B 130 -7.29 8.25 15.94
N PHE B 131 -7.54 9.36 15.26
CA PHE B 131 -8.89 9.87 15.08
C PHE B 131 -9.46 9.52 13.71
N SER B 132 -8.83 8.56 13.02
CA SER B 132 -9.36 8.08 11.75
C SER B 132 -10.63 7.27 11.98
N ARG B 133 -11.57 7.40 11.04
CA ARG B 133 -12.80 6.61 11.08
C ARG B 133 -12.53 5.31 10.34
N TYR B 134 -12.50 4.21 11.07
CA TYR B 134 -12.36 2.92 10.44
C TYR B 134 -13.73 2.28 10.31
N PRO B 135 -14.10 1.80 9.12
CA PRO B 135 -15.36 1.06 8.99
C PRO B 135 -15.35 -0.16 9.90
N ASP B 136 -16.55 -0.65 10.20
CA ASP B 136 -16.66 -1.75 11.15
C ASP B 136 -15.98 -3.01 10.64
N HIS B 137 -15.99 -3.22 9.32
CA HIS B 137 -15.28 -4.36 8.75
C HIS B 137 -13.78 -4.15 8.77
N MET B 138 -13.30 -2.99 9.21
CA MET B 138 -11.87 -2.69 9.30
C MET B 138 -11.45 -2.28 10.70
N LYS B 139 -12.31 -2.49 11.71
CA LYS B 139 -11.95 -2.14 13.08
C LYS B 139 -10.78 -2.98 13.58
N ARG B 140 -10.59 -4.17 13.02
CA ARG B 140 -9.51 -5.06 13.43
C ARG B 140 -8.14 -4.62 12.90
N HIS B 141 -8.08 -3.51 12.16
CA HIS B 141 -6.82 -3.07 11.57
C HIS B 141 -6.41 -1.68 12.06
N ASP B 142 -7.06 -1.16 13.09
CA ASP B 142 -6.74 0.16 13.63
C ASP B 142 -5.67 -0.04 14.70
N PHE B 143 -4.42 0.28 14.34
CA PHE B 143 -3.32 0.16 15.28
C PHE B 143 -3.26 1.34 16.25
N PHE B 144 -3.69 2.53 15.80
CA PHE B 144 -3.52 3.72 16.60
C PHE B 144 -4.42 3.73 17.83
N LYS B 145 -5.69 3.32 17.66
CA LYS B 145 -6.59 3.28 18.80
C LYS B 145 -6.27 2.09 19.71
N SER B 146 -5.79 0.99 19.12
CA SER B 146 -5.48 -0.21 19.91
C SER B 146 -4.31 0.01 20.85
N ALA B 147 -3.48 1.01 20.59
CA ALA B 147 -2.29 1.27 21.41
C ALA B 147 -2.59 2.13 22.64
N MET B 148 -3.82 2.66 22.78
CA MET B 148 -4.23 3.51 23.89
C MET B 148 -4.69 2.67 25.07
N PRO B 149 -4.52 3.17 26.32
CA PRO B 149 -4.10 4.52 26.69
C PRO B 149 -2.59 4.73 26.78
N GLU B 150 -1.80 3.66 26.67
CA GLU B 150 -0.36 3.81 26.85
C GLU B 150 0.28 4.58 25.71
N GLY B 151 -0.24 4.45 24.49
CA GLY B 151 0.20 5.25 23.37
C GLY B 151 1.29 4.59 22.54
N TYR B 152 1.74 5.35 21.54
CA TYR B 152 2.75 4.87 20.61
C TYR B 152 3.74 5.99 20.32
N VAL B 153 4.88 5.62 19.75
CA VAL B 153 5.92 6.55 19.33
C VAL B 153 5.88 6.66 17.81
N GLN B 154 5.78 7.90 17.31
CA GLN B 154 5.75 8.15 15.87
C GLN B 154 7.02 8.89 15.46
N GLU B 155 7.81 8.26 14.60
CA GLU B 155 9.01 8.86 14.04
C GLU B 155 8.90 8.91 12.52
N ARG B 156 9.47 9.95 11.93
CA ARG B 156 9.27 10.22 10.52
C ARG B 156 10.54 10.82 9.94
N THR B 157 10.73 10.59 8.63
CA THR B 157 11.74 11.29 7.86
C THR B 157 11.05 11.86 6.64
N ILE B 158 10.90 13.17 6.60
CA ILE B 158 10.26 13.86 5.48
C ILE B 158 11.37 14.43 4.59
N SER B 159 11.38 14.02 3.33
CA SER B 159 12.41 14.43 2.38
C SER B 159 11.79 15.32 1.30
N PHE B 160 12.19 16.59 1.27
CA PHE B 160 11.74 17.52 0.25
C PHE B 160 12.63 17.39 -0.99
N LYS B 161 12.02 17.19 -2.14
CA LYS B 161 12.76 16.90 -3.36
C LYS B 161 13.64 18.08 -3.76
N ASP B 162 14.91 17.79 -4.04
CA ASP B 162 15.90 18.81 -4.43
C ASP B 162 16.02 19.88 -3.35
N ASP B 163 15.98 19.46 -2.09
CA ASP B 163 16.16 20.35 -0.95
C ASP B 163 16.45 19.50 0.29
N GLY B 164 16.22 20.07 1.46
CA GLY B 164 16.56 19.40 2.71
C GLY B 164 15.52 18.39 3.15
N LYS B 165 15.57 18.07 4.44
CA LYS B 165 14.74 17.00 4.99
C LYS B 165 14.41 17.29 6.45
N TYR B 166 13.28 16.73 6.89
CA TYR B 166 12.84 16.78 8.28
C TYR B 166 13.05 15.42 8.94
N LYS B 167 13.45 15.44 10.20
CA LYS B 167 13.54 14.23 11.02
C LYS B 167 12.81 14.52 12.32
N THR B 168 11.69 13.82 12.55
CA THR B 168 10.81 14.11 13.66
C THR B 168 10.63 12.88 14.54
N ARG B 169 10.32 13.12 15.81
CA ARG B 169 9.98 12.05 16.74
C ARG B 169 8.92 12.57 17.69
N ALA B 170 7.91 11.73 17.95
CA ALA B 170 6.76 12.15 18.72
C ALA B 170 6.24 11.02 19.59
N VAL B 171 5.64 11.38 20.72
CA VAL B 171 4.97 10.44 21.61
C VAL B 171 3.50 10.86 21.68
N VAL B 172 2.62 9.93 21.31
CA VAL B 172 1.18 10.16 21.29
C VAL B 172 0.55 9.24 22.33
N LYS B 173 -0.10 9.83 23.33
CA LYS B 173 -0.64 9.06 24.44
C LYS B 173 -1.72 9.89 25.14
N PHE B 174 -2.35 9.28 26.13
CA PHE B 174 -3.38 9.93 26.95
C PHE B 174 -2.76 10.44 28.24
N GLU B 175 -3.10 11.67 28.61
CA GLU B 175 -2.71 12.26 29.88
C GLU B 175 -3.97 12.74 30.57
N GLY B 176 -4.50 11.94 31.50
CA GLY B 176 -5.81 12.19 32.06
C GLY B 176 -6.90 11.82 31.08
N ASP B 177 -7.63 12.82 30.60
CA ASP B 177 -8.65 12.62 29.58
C ASP B 177 -8.30 13.34 28.29
N THR B 178 -7.03 13.67 28.10
CA THR B 178 -6.56 14.43 26.95
C THR B 178 -5.58 13.60 26.14
N LEU B 179 -5.76 13.62 24.82
CA LEU B 179 -4.79 13.04 23.90
C LEU B 179 -3.72 14.09 23.65
N VAL B 180 -2.47 13.75 23.92
CA VAL B 180 -1.37 14.71 23.84
C VAL B 180 -0.37 14.25 22.80
N ASN B 181 0.08 15.17 21.95
CA ASN B 181 1.06 14.85 20.92
C ASN B 181 2.29 15.71 21.14
N ARG B 182 3.40 15.07 21.51
CA ARG B 182 4.65 15.77 21.82
C ARG B 182 5.78 15.41 20.87
N ILE B 183 6.26 16.41 20.16
CA ILE B 183 7.15 16.20 19.03
C ILE B 183 8.43 16.99 19.19
N GLU B 184 9.50 16.43 18.62
CA GLU B 184 10.79 17.06 18.47
C GLU B 184 11.20 16.98 17.00
N LEU B 185 11.35 18.14 16.36
CA LEU B 185 11.64 18.23 14.94
C LEU B 185 13.01 18.89 14.73
N LYS B 186 13.74 18.38 13.72
CA LYS B 186 15.06 18.93 13.40
C LYS B 186 15.25 18.84 11.89
N GLY B 187 15.19 19.97 11.21
CA GLY B 187 15.40 20.03 9.76
C GLY B 187 16.84 20.40 9.45
N THR B 188 17.40 19.77 8.41
CA THR B 188 18.79 19.98 8.03
C THR B 188 18.91 20.09 6.52
N ASP B 189 20.03 20.69 6.10
CA ASP B 189 20.46 20.71 4.69
C ASP B 189 19.44 21.43 3.79
N PHE B 190 18.76 22.45 4.32
CA PHE B 190 17.78 23.20 3.53
C PHE B 190 18.46 24.37 2.83
N LYS B 191 18.25 24.47 1.52
CA LYS B 191 18.84 25.53 0.72
C LYS B 191 18.08 26.84 0.91
N GLU B 192 18.81 27.93 1.12
CA GLU B 192 18.21 29.26 1.16
C GLU B 192 17.60 29.64 -0.19
N ASP B 193 17.88 28.83 -1.21
CA ASP B 193 17.40 29.02 -2.57
C ASP B 193 16.14 28.20 -2.84
N GLY B 194 15.60 27.53 -1.82
CA GLY B 194 14.51 26.59 -2.01
C GLY B 194 13.13 27.17 -1.75
N ASN B 195 12.13 26.32 -1.96
CA ASN B 195 10.74 26.74 -1.77
C ASN B 195 10.38 26.86 -0.30
N ILE B 196 11.06 26.12 0.56
CA ILE B 196 10.72 26.09 1.99
C ILE B 196 11.28 27.32 2.69
N LEU B 197 12.62 27.46 2.72
CA LEU B 197 13.22 28.59 3.41
C LEU B 197 12.83 29.92 2.76
N GLY B 198 12.66 29.93 1.43
CA GLY B 198 12.26 31.12 0.71
C GLY B 198 10.79 31.45 0.76
N HIS B 199 9.99 30.64 1.47
CA HIS B 199 8.56 30.87 1.65
C HIS B 199 7.86 31.06 0.30
N LYS B 200 7.85 29.97 -0.49
CA LYS B 200 7.26 29.99 -1.81
C LYS B 200 6.06 29.05 -1.93
N LEU B 201 5.60 28.46 -0.83
CA LEU B 201 4.48 27.53 -0.85
C LEU B 201 3.17 28.24 -0.53
N GLU B 202 2.12 27.86 -1.24
CA GLU B 202 0.79 28.43 -1.01
C GLU B 202 0.23 27.95 0.34
N TYR B 203 -0.75 28.69 0.84
CA TYR B 203 -1.38 28.36 2.12
C TYR B 203 -2.61 27.50 1.89
N ASN B 204 -2.36 26.24 1.55
CA ASN B 204 -3.42 25.25 1.33
C ASN B 204 -2.83 23.86 1.51
N PHE B 205 -3.68 22.85 1.36
CA PHE B 205 -3.23 21.47 1.46
C PHE B 205 -4.02 20.59 0.50
N ASN B 206 -3.32 19.64 -0.12
CA ASN B 206 -3.97 18.70 -1.04
C ASN B 206 -4.49 17.50 -0.26
N SER B 207 -5.15 16.59 -0.97
CA SER B 207 -5.64 15.35 -0.39
C SER B 207 -4.61 14.27 -0.65
N HIS B 208 -4.36 13.45 0.38
CA HIS B 208 -3.33 12.44 0.30
C HIS B 208 -3.85 11.11 0.84
N ASN B 209 -3.26 10.03 0.34
CA ASN B 209 -3.53 8.68 0.81
C ASN B 209 -2.31 8.18 1.55
N VAL B 210 -2.47 7.84 2.83
CA VAL B 210 -1.38 7.37 3.68
C VAL B 210 -1.46 5.86 3.74
N TYR B 211 -0.55 5.18 3.04
CA TYR B 211 -0.57 3.72 2.94
C TYR B 211 0.17 3.11 4.12
N ILE B 212 -0.49 2.19 4.82
CA ILE B 212 -0.01 1.60 6.06
C ILE B 212 0.31 0.13 5.83
N THR B 213 1.41 -0.33 6.41
CA THR B 213 1.84 -1.72 6.32
C THR B 213 2.36 -2.16 7.68
N ALA B 214 2.27 -3.45 7.94
CA ALA B 214 2.74 -3.99 9.22
C ALA B 214 4.24 -4.20 9.20
N ASP B 215 4.86 -4.05 10.37
CA ASP B 215 6.29 -4.26 10.55
C ASP B 215 6.44 -5.26 11.70
N LYS B 216 6.52 -6.54 11.35
CA LYS B 216 6.53 -7.59 12.37
C LYS B 216 7.85 -7.61 13.14
N GLN B 217 8.95 -7.17 12.52
CA GLN B 217 10.24 -7.21 13.19
C GLN B 217 10.35 -6.18 14.31
N LYS B 218 9.47 -5.18 14.32
CA LYS B 218 9.45 -4.18 15.39
C LYS B 218 8.07 -4.04 16.03
N ASN B 219 7.14 -4.97 15.74
CA ASN B 219 5.82 -5.01 16.38
C ASN B 219 5.03 -3.72 16.19
N GLY B 220 5.22 -3.05 15.05
CA GLY B 220 4.48 -1.83 14.77
C GLY B 220 4.00 -1.74 13.33
N ILE B 221 3.84 -0.52 12.83
CA ILE B 221 3.42 -0.29 11.45
C ILE B 221 4.40 0.66 10.80
N LYS B 222 4.37 0.68 9.46
CA LYS B 222 5.12 1.62 8.65
C LYS B 222 4.15 2.29 7.67
N ALA B 223 4.43 3.55 7.36
CA ALA B 223 3.59 4.31 6.44
C ALA B 223 4.44 5.01 5.40
N ASN B 224 3.86 5.23 4.23
CA ASN B 224 4.59 5.82 3.11
C ASN B 224 3.62 6.58 2.22
N PHE B 225 3.95 7.84 1.93
CA PHE B 225 3.17 8.66 1.02
C PHE B 225 4.01 9.86 0.62
N THR B 226 3.64 10.49 -0.49
CA THR B 226 4.32 11.69 -0.98
C THR B 226 3.34 12.85 -0.95
N VAL B 227 3.68 13.90 -0.21
CA VAL B 227 2.84 15.07 -0.06
C VAL B 227 3.14 16.05 -1.19
N ARG B 228 2.08 16.62 -1.76
CA ARG B 228 2.20 17.61 -2.84
C ARG B 228 1.96 19.00 -2.28
N HIS B 229 2.98 19.85 -2.34
CA HIS B 229 2.90 21.24 -1.90
C HIS B 229 2.85 22.12 -3.13
N ASN B 230 1.80 22.94 -3.24
CA ASN B 230 1.63 23.83 -4.38
C ASN B 230 2.52 25.05 -4.21
N VAL B 231 3.38 25.29 -5.18
CA VAL B 231 4.28 26.44 -5.16
C VAL B 231 3.63 27.60 -5.89
N GLU B 232 3.99 28.83 -5.48
CA GLU B 232 3.37 30.03 -6.04
C GLU B 232 3.58 30.13 -7.55
N ASP B 233 4.68 29.60 -8.07
CA ASP B 233 4.94 29.65 -9.50
C ASP B 233 4.02 28.74 -10.30
N GLY B 234 3.30 27.83 -9.64
CA GLY B 234 2.41 26.91 -10.31
C GLY B 234 2.89 25.47 -10.33
N SER B 235 4.15 25.23 -9.95
CA SER B 235 4.68 23.88 -9.86
C SER B 235 4.35 23.29 -8.49
N VAL B 236 4.81 22.06 -8.25
CA VAL B 236 4.53 21.34 -7.02
C VAL B 236 5.87 20.99 -6.37
N GLN B 237 5.90 21.06 -5.04
CA GLN B 237 7.05 20.65 -4.25
C GLN B 237 6.73 19.31 -3.60
N LEU B 238 7.55 18.31 -3.88
CA LEU B 238 7.32 16.96 -3.39
C LEU B 238 7.96 16.77 -2.02
N ALA B 239 7.23 16.12 -1.13
CA ALA B 239 7.72 15.78 0.20
C ALA B 239 7.40 14.30 0.43
N ASP B 240 8.45 13.48 0.50
CA ASP B 240 8.28 12.04 0.67
C ASP B 240 8.33 11.70 2.16
N HIS B 241 7.34 10.93 2.61
CA HIS B 241 7.14 10.64 4.02
C HIS B 241 7.46 9.17 4.27
N TYR B 242 8.36 8.92 5.22
CA TYR B 242 8.70 7.58 5.68
C TYR B 242 8.46 7.56 7.18
N GLN B 243 7.43 6.83 7.60
CA GLN B 243 6.91 6.89 8.95
C GLN B 243 6.98 5.51 9.59
N GLN B 244 7.25 5.48 10.89
CA GLN B 244 7.33 4.25 11.67
C GLN B 244 6.65 4.49 13.01
N ASN B 245 5.85 3.51 13.46
CA ASN B 245 5.07 3.64 14.69
C ASN B 245 5.29 2.40 15.55
N THR B 246 5.68 2.61 16.80
CA THR B 246 5.97 1.52 17.71
C THR B 246 5.22 1.73 19.02
N PRO B 247 4.62 0.67 19.58
CA PRO B 247 3.84 0.84 20.82
C PRO B 247 4.76 1.12 22.01
N ILE B 248 4.13 1.56 23.09
CA ILE B 248 4.84 1.90 24.32
C ILE B 248 4.62 0.80 25.34
N GLY B 249 3.36 0.54 25.70
CA GLY B 249 3.03 -0.51 26.65
C GLY B 249 3.06 -1.90 26.04
#